data_1IFA
# 
_entry.id   1IFA 
# 
_audit_conform.dict_name       mmcif_pdbx.dic 
_audit_conform.dict_version    5.386 
_audit_conform.dict_location   http://mmcif.pdb.org/dictionaries/ascii/mmcif_pdbx.dic 
# 
loop_
_database_2.database_id 
_database_2.database_code 
_database_2.pdbx_database_accession 
_database_2.pdbx_DOI 
PDB   1IFA         pdb_00001ifa 10.2210/pdb1ifa/pdb 
WWPDB D_1000174127 ?            ?                   
# 
loop_
_pdbx_audit_revision_history.ordinal 
_pdbx_audit_revision_history.data_content_type 
_pdbx_audit_revision_history.major_revision 
_pdbx_audit_revision_history.minor_revision 
_pdbx_audit_revision_history.revision_date 
1 'Structure model' 1 0 1994-01-31 
2 'Structure model' 1 1 2008-03-24 
3 'Structure model' 1 2 2011-07-13 
4 'Structure model' 1 3 2019-07-17 
5 'Structure model' 1 4 2019-08-14 
6 'Structure model' 1 5 2024-02-07 
# 
_pdbx_audit_revision_details.ordinal             1 
_pdbx_audit_revision_details.revision_ordinal    1 
_pdbx_audit_revision_details.data_content_type   'Structure model' 
_pdbx_audit_revision_details.provider            repository 
_pdbx_audit_revision_details.type                'Initial release' 
_pdbx_audit_revision_details.description         ? 
_pdbx_audit_revision_details.details             ? 
# 
loop_
_pdbx_audit_revision_group.ordinal 
_pdbx_audit_revision_group.revision_ordinal 
_pdbx_audit_revision_group.data_content_type 
_pdbx_audit_revision_group.group 
1 2 'Structure model' 'Version format compliance' 
2 3 'Structure model' 'Version format compliance' 
3 4 'Structure model' 'Data collection'           
4 4 'Structure model' Other                       
5 4 'Structure model' 'Refinement description'    
6 5 'Structure model' 'Data collection'           
7 5 'Structure model' 'Refinement description'    
8 6 'Structure model' 'Data collection'           
9 6 'Structure model' 'Database references'       
# 
loop_
_pdbx_audit_revision_category.ordinal 
_pdbx_audit_revision_category.revision_ordinal 
_pdbx_audit_revision_category.data_content_type 
_pdbx_audit_revision_category.category 
1 4 'Structure model' pdbx_database_status 
2 4 'Structure model' software             
3 5 'Structure model' software             
4 6 'Structure model' chem_comp_atom       
5 6 'Structure model' chem_comp_bond       
6 6 'Structure model' database_2           
# 
loop_
_pdbx_audit_revision_item.ordinal 
_pdbx_audit_revision_item.revision_ordinal 
_pdbx_audit_revision_item.data_content_type 
_pdbx_audit_revision_item.item 
1 4 'Structure model' '_pdbx_database_status.process_site'  
2 4 'Structure model' '_software.classification'            
3 5 'Structure model' '_software.classification'            
4 6 'Structure model' '_database_2.pdbx_DOI'                
5 6 'Structure model' '_database_2.pdbx_database_accession' 
# 
_pdbx_database_status.status_code                     REL 
_pdbx_database_status.entry_id                        1IFA 
_pdbx_database_status.recvd_initial_deposition_date   1991-10-29 
_pdbx_database_status.deposit_site                    ? 
_pdbx_database_status.process_site                    BNL 
_pdbx_database_status.SG_entry                        . 
_pdbx_database_status.pdb_format_compatible           Y 
_pdbx_database_status.status_code_mr                  ? 
_pdbx_database_status.status_code_sf                  ? 
_pdbx_database_status.status_code_cs                  ? 
_pdbx_database_status.methods_development_category    ? 
_pdbx_database_status.status_code_nmr_data            ? 
# 
loop_
_audit_author.name 
_audit_author.pdbx_ordinal 
'Mitsui, Y.'     1 
'Senda, T.'      2 
'Matsuda, S.'    3 
'Kawano, G.'     4 
'Nakamura, K.T.' 5 
'Shimizu, H.'    6 
# 
loop_
_citation.id 
_citation.title 
_citation.journal_abbrev 
_citation.journal_volume 
_citation.page_first 
_citation.page_last 
_citation.year 
_citation.journal_id_ASTM 
_citation.country 
_citation.journal_id_ISSN 
_citation.journal_id_CSD 
_citation.book_publisher 
_citation.pdbx_database_id_PubMed 
_citation.pdbx_database_id_DOI 
primary 'Three-dimensional crystal structure of recombinant murine interferon-beta.' 'EMBO J.'            11  3193  3201 1992 
EMJODG UK 0261-4189 0897 ? 1505514 ? 
1       
'Structural, Functional and Evolutionary Implications of the Three-Dimensional Crystal Structure of Murine Interferon-Beta' 
'To be Published'    ?   ?     ?    ?    ?      ?  ?         0353 ? ?       ? 
2       'Three-Dimensional Structure of Recombinant Murine Interferon-Beta' Proc.Jpn.Acad.,Ser.B 66  77    ?    1990 PJABDW JA 
0386-2208 0535 ? ?       ? 
3       'New Crystal Form of Recombinant Murine Interferon-Beta' J.Biol.Chem.         264 13381 ?    1989 JBCHA3 US 0021-9258 0071 
? ?       ? 
# 
loop_
_citation_author.citation_id 
_citation_author.name 
_citation_author.ordinal 
_citation_author.identifier_ORCID 
primary 'Senda, T.'      1  ? 
primary 'Shimazu, T.'    2  ? 
primary 'Matsuda, S.'    3  ? 
primary 'Kawano, G.'     4  ? 
primary 'Shimizu, H.'    5  ? 
primary 'Nakamura, K.T.' 6  ? 
primary 'Mitsui, Y.'     7  ? 
1       'Mitsui, Y.'     8  ? 
1       'Senda, T.'      9  ? 
1       'Shimazu, T.'    10 ? 
1       'Matsuda, S.'    11 ? 
1       'Utsumi, J.'     12 ? 
2       'Senda, T.'      13 ? 
2       'Matsuda, S.'    14 ? 
2       'Kurihara, H.'   15 ? 
2       'Nakamura, K.T.' 16 ? 
2       'Kawano, G.'     17 ? 
2       'Shimizu, H.'    18 ? 
2       'Mizuno, H.'     19 ? 
2       'Mitsui, Y.'     20 ? 
3       'Matsuda, S.'    21 ? 
3       'Senda, T.'      22 ? 
3       'Itoh, S.'       23 ? 
3       'Kawano, G.'     24 ? 
3       'Mizuno, H.'     25 ? 
3       'Mitsui, Y.'     26 ? 
# 
loop_
_entity.id 
_entity.type 
_entity.src_method 
_entity.pdbx_description 
_entity.formula_weight 
_entity.pdbx_number_of_molecules 
_entity.pdbx_ec 
_entity.pdbx_mutation 
_entity.pdbx_fragment 
_entity.details 
1 polymer     man INTERFERON-BETA 19419.561 1 ? ? ? ? 
2 non-polymer syn ASPARAGINE      132.118   1 ? ? ? ? 
# 
_entity_poly.entity_id                      1 
_entity_poly.type                           'polypeptide(L)' 
_entity_poly.nstd_linkage                   no 
_entity_poly.nstd_monomer                   no 
_entity_poly.pdbx_seq_one_letter_code       
;YKQLQLQERTNIRKCQELLEQLNGKINLTYRADFKIPMEMTEKMQKSYTAFAIQEMLQNVFLVFRNNFSSTGWNETIVVR
LLDELHQQTVFLKTVLEEKQEERLTWEMSSTALHLKSYYWRVQRYLKLMKYNSYAWMVVRAEIFRNFLIIRRLTRNFQ
;
_entity_poly.pdbx_seq_one_letter_code_can   
;YKQLQLQERTNIRKCQELLEQLNGKINLTYRADFKIPMEMTEKMQKSYTAFAIQEMLQNVFLVFRNNFSSTGWNETIVVR
LLDELHQQTVFLKTVLEEKQEERLTWEMSSTALHLKSYYWRVQRYLKLMKYNSYAWMVVRAEIFRNFLIIRRLTRNFQ
;
_entity_poly.pdbx_strand_id                 A 
_entity_poly.pdbx_target_identifier         ? 
# 
_pdbx_entity_nonpoly.entity_id   2 
_pdbx_entity_nonpoly.name        ASPARAGINE 
_pdbx_entity_nonpoly.comp_id     ASN 
# 
loop_
_entity_poly_seq.entity_id 
_entity_poly_seq.num 
_entity_poly_seq.mon_id 
_entity_poly_seq.hetero 
1 1   TYR n 
1 2   LYS n 
1 3   GLN n 
1 4   LEU n 
1 5   GLN n 
1 6   LEU n 
1 7   GLN n 
1 8   GLU n 
1 9   ARG n 
1 10  THR n 
1 11  ASN n 
1 12  ILE n 
1 13  ARG n 
1 14  LYS n 
1 15  CYS n 
1 16  GLN n 
1 17  GLU n 
1 18  LEU n 
1 19  LEU n 
1 20  GLU n 
1 21  GLN n 
1 22  LEU n 
1 23  ASN n 
1 24  GLY n 
1 25  LYS n 
1 26  ILE n 
1 27  ASN n 
1 28  LEU n 
1 29  THR n 
1 30  TYR n 
1 31  ARG n 
1 32  ALA n 
1 33  ASP n 
1 34  PHE n 
1 35  LYS n 
1 36  ILE n 
1 37  PRO n 
1 38  MET n 
1 39  GLU n 
1 40  MET n 
1 41  THR n 
1 42  GLU n 
1 43  LYS n 
1 44  MET n 
1 45  GLN n 
1 46  LYS n 
1 47  SER n 
1 48  TYR n 
1 49  THR n 
1 50  ALA n 
1 51  PHE n 
1 52  ALA n 
1 53  ILE n 
1 54  GLN n 
1 55  GLU n 
1 56  MET n 
1 57  LEU n 
1 58  GLN n 
1 59  ASN n 
1 60  VAL n 
1 61  PHE n 
1 62  LEU n 
1 63  VAL n 
1 64  PHE n 
1 65  ARG n 
1 66  ASN n 
1 67  ASN n 
1 68  PHE n 
1 69  SER n 
1 70  SER n 
1 71  THR n 
1 72  GLY n 
1 73  TRP n 
1 74  ASN n 
1 75  GLU n 
1 76  THR n 
1 77  ILE n 
1 78  VAL n 
1 79  VAL n 
1 80  ARG n 
1 81  LEU n 
1 82  LEU n 
1 83  ASP n 
1 84  GLU n 
1 85  LEU n 
1 86  HIS n 
1 87  GLN n 
1 88  GLN n 
1 89  THR n 
1 90  VAL n 
1 91  PHE n 
1 92  LEU n 
1 93  LYS n 
1 94  THR n 
1 95  VAL n 
1 96  LEU n 
1 97  GLU n 
1 98  GLU n 
1 99  LYS n 
1 100 GLN n 
1 101 GLU n 
1 102 GLU n 
1 103 ARG n 
1 104 LEU n 
1 105 THR n 
1 106 TRP n 
1 107 GLU n 
1 108 MET n 
1 109 SER n 
1 110 SER n 
1 111 THR n 
1 112 ALA n 
1 113 LEU n 
1 114 HIS n 
1 115 LEU n 
1 116 LYS n 
1 117 SER n 
1 118 TYR n 
1 119 TYR n 
1 120 TRP n 
1 121 ARG n 
1 122 VAL n 
1 123 GLN n 
1 124 ARG n 
1 125 TYR n 
1 126 LEU n 
1 127 LYS n 
1 128 LEU n 
1 129 MET n 
1 130 LYS n 
1 131 TYR n 
1 132 ASN n 
1 133 SER n 
1 134 TYR n 
1 135 ALA n 
1 136 TRP n 
1 137 MET n 
1 138 VAL n 
1 139 VAL n 
1 140 ARG n 
1 141 ALA n 
1 142 GLU n 
1 143 ILE n 
1 144 PHE n 
1 145 ARG n 
1 146 ASN n 
1 147 PHE n 
1 148 LEU n 
1 149 ILE n 
1 150 ILE n 
1 151 ARG n 
1 152 ARG n 
1 153 LEU n 
1 154 THR n 
1 155 ARG n 
1 156 ASN n 
1 157 PHE n 
1 158 GLN n 
# 
_entity_src_gen.entity_id                          1 
_entity_src_gen.pdbx_src_id                        1 
_entity_src_gen.pdbx_alt_source_flag               sample 
_entity_src_gen.pdbx_seq_type                      ? 
_entity_src_gen.pdbx_beg_seq_num                   ? 
_entity_src_gen.pdbx_end_seq_num                   ? 
_entity_src_gen.gene_src_common_name               'house mouse' 
_entity_src_gen.gene_src_genus                     Mus 
_entity_src_gen.pdbx_gene_src_gene                 ? 
_entity_src_gen.gene_src_species                   ? 
_entity_src_gen.gene_src_strain                    ? 
_entity_src_gen.gene_src_tissue                    ? 
_entity_src_gen.gene_src_tissue_fraction           ? 
_entity_src_gen.gene_src_details                   ? 
_entity_src_gen.pdbx_gene_src_fragment             ? 
_entity_src_gen.pdbx_gene_src_scientific_name      'Mus musculus' 
_entity_src_gen.pdbx_gene_src_ncbi_taxonomy_id     10090 
_entity_src_gen.pdbx_gene_src_variant              ? 
_entity_src_gen.pdbx_gene_src_cell_line            ? 
_entity_src_gen.pdbx_gene_src_atcc                 ? 
_entity_src_gen.pdbx_gene_src_organ                ? 
_entity_src_gen.pdbx_gene_src_organelle            ? 
_entity_src_gen.pdbx_gene_src_cell                 ? 
_entity_src_gen.pdbx_gene_src_cellular_location    ? 
_entity_src_gen.host_org_common_name               ? 
_entity_src_gen.pdbx_host_org_scientific_name      ? 
_entity_src_gen.pdbx_host_org_ncbi_taxonomy_id     ? 
_entity_src_gen.host_org_genus                     ? 
_entity_src_gen.pdbx_host_org_gene                 ? 
_entity_src_gen.pdbx_host_org_organ                ? 
_entity_src_gen.host_org_species                   ? 
_entity_src_gen.pdbx_host_org_tissue               ? 
_entity_src_gen.pdbx_host_org_tissue_fraction      ? 
_entity_src_gen.pdbx_host_org_strain               ? 
_entity_src_gen.pdbx_host_org_variant              ? 
_entity_src_gen.pdbx_host_org_cell_line            ? 
_entity_src_gen.pdbx_host_org_atcc                 ? 
_entity_src_gen.pdbx_host_org_culture_collection   ? 
_entity_src_gen.pdbx_host_org_cell                 ? 
_entity_src_gen.pdbx_host_org_organelle            ? 
_entity_src_gen.pdbx_host_org_cellular_location    ? 
_entity_src_gen.pdbx_host_org_vector_type          ? 
_entity_src_gen.pdbx_host_org_vector               ? 
_entity_src_gen.host_org_details                   ? 
_entity_src_gen.expression_system_id               ? 
_entity_src_gen.plasmid_name                       ? 
_entity_src_gen.plasmid_details                    ? 
_entity_src_gen.pdbx_description                   ? 
# 
loop_
_chem_comp.id 
_chem_comp.type 
_chem_comp.mon_nstd_flag 
_chem_comp.name 
_chem_comp.pdbx_synonyms 
_chem_comp.formula 
_chem_comp.formula_weight 
ALA 'L-peptide linking' y ALANINE         ? 'C3 H7 N O2'     89.093  
ARG 'L-peptide linking' y ARGININE        ? 'C6 H15 N4 O2 1' 175.209 
ASN 'L-peptide linking' y ASPARAGINE      ? 'C4 H8 N2 O3'    132.118 
ASP 'L-peptide linking' y 'ASPARTIC ACID' ? 'C4 H7 N O4'     133.103 
CYS 'L-peptide linking' y CYSTEINE        ? 'C3 H7 N O2 S'   121.158 
GLN 'L-peptide linking' y GLUTAMINE       ? 'C5 H10 N2 O3'   146.144 
GLU 'L-peptide linking' y 'GLUTAMIC ACID' ? 'C5 H9 N O4'     147.129 
GLY 'peptide linking'   y GLYCINE         ? 'C2 H5 N O2'     75.067  
HIS 'L-peptide linking' y HISTIDINE       ? 'C6 H10 N3 O2 1' 156.162 
ILE 'L-peptide linking' y ISOLEUCINE      ? 'C6 H13 N O2'    131.173 
LEU 'L-peptide linking' y LEUCINE         ? 'C6 H13 N O2'    131.173 
LYS 'L-peptide linking' y LYSINE          ? 'C6 H15 N2 O2 1' 147.195 
MET 'L-peptide linking' y METHIONINE      ? 'C5 H11 N O2 S'  149.211 
PHE 'L-peptide linking' y PHENYLALANINE   ? 'C9 H11 N O2'    165.189 
PRO 'L-peptide linking' y PROLINE         ? 'C5 H9 N O2'     115.130 
SER 'L-peptide linking' y SERINE          ? 'C3 H7 N O3'     105.093 
THR 'L-peptide linking' y THREONINE       ? 'C4 H9 N O3'     119.119 
TRP 'L-peptide linking' y TRYPTOPHAN      ? 'C11 H12 N2 O2'  204.225 
TYR 'L-peptide linking' y TYROSINE        ? 'C9 H11 N O3'    181.189 
VAL 'L-peptide linking' y VALINE          ? 'C5 H11 N O2'    117.146 
# 
loop_
_pdbx_poly_seq_scheme.asym_id 
_pdbx_poly_seq_scheme.entity_id 
_pdbx_poly_seq_scheme.seq_id 
_pdbx_poly_seq_scheme.mon_id 
_pdbx_poly_seq_scheme.ndb_seq_num 
_pdbx_poly_seq_scheme.pdb_seq_num 
_pdbx_poly_seq_scheme.auth_seq_num 
_pdbx_poly_seq_scheme.pdb_mon_id 
_pdbx_poly_seq_scheme.auth_mon_id 
_pdbx_poly_seq_scheme.pdb_strand_id 
_pdbx_poly_seq_scheme.pdb_ins_code 
_pdbx_poly_seq_scheme.hetero 
A 1 1   TYR 1   3   3   TYR TYR A . n 
A 1 2   LYS 2   4   4   LYS LYS A . n 
A 1 3   GLN 3   5   5   GLN GLN A . n 
A 1 4   LEU 4   6   6   LEU LEU A . n 
A 1 5   GLN 5   7   7   GLN GLN A . n 
A 1 6   LEU 6   8   8   LEU LEU A . n 
A 1 7   GLN 7   9   9   GLN GLN A . n 
A 1 8   GLU 8   10  10  GLU GLU A . n 
A 1 9   ARG 9   11  11  ARG ARG A . n 
A 1 10  THR 10  12  12  THR THR A . n 
A 1 11  ASN 11  13  13  ASN ASN A . n 
A 1 12  ILE 12  14  14  ILE ILE A . n 
A 1 13  ARG 13  15  15  ARG ARG A . n 
A 1 14  LYS 14  16  16  LYS LYS A . n 
A 1 15  CYS 15  17  17  CYS CYS A . n 
A 1 16  GLN 16  18  18  GLN GLN A . n 
A 1 17  GLU 17  19  19  GLU GLU A . n 
A 1 18  LEU 18  20  20  LEU LEU A . n 
A 1 19  LEU 19  21  21  LEU LEU A . n 
A 1 20  GLU 20  22  22  GLU GLU A . n 
A 1 21  GLN 21  23  23  GLN GLN A . n 
A 1 22  LEU 22  24  24  LEU LEU A . n 
A 1 23  ASN 23  25  25  ASN ASN A . n 
A 1 24  GLY 24  26  26  GLY GLY A . n 
A 1 25  LYS 25  27  27  LYS LYS A . n 
A 1 26  ILE 26  28  28  ILE ILE A . n 
A 1 27  ASN 27  29  29  ASN ASN A . n 
A 1 28  LEU 28  30  30  LEU LEU A . n 
A 1 29  THR 29  31  31  THR THR A . n 
A 1 30  TYR 30  32  32  TYR TYR A . n 
A 1 31  ARG 31  33  33  ARG ARG A . n 
A 1 32  ALA 32  34  34  ALA ALA A . n 
A 1 33  ASP 33  35  35  ASP ASP A . n 
A 1 34  PHE 34  36  36  PHE PHE A . n 
A 1 35  LYS 35  37  37  LYS LYS A . n 
A 1 36  ILE 36  38  38  ILE ILE A . n 
A 1 37  PRO 37  39  39  PRO PRO A . n 
A 1 38  MET 38  40  40  MET MET A . n 
A 1 39  GLU 39  41  41  GLU GLU A . n 
A 1 40  MET 40  42  42  MET MET A . n 
A 1 41  THR 41  43  43  THR THR A . n 
A 1 42  GLU 42  44  44  GLU GLU A . n 
A 1 43  LYS 43  45  45  LYS LYS A . n 
A 1 44  MET 44  46  46  MET MET A . n 
A 1 45  GLN 45  47  47  GLN GLN A . n 
A 1 46  LYS 46  48  48  LYS LYS A . n 
A 1 47  SER 47  49  49  SER SER A . n 
A 1 48  TYR 48  50  50  TYR TYR A . n 
A 1 49  THR 49  51  51  THR THR A . n 
A 1 50  ALA 50  52  52  ALA ALA A . n 
A 1 51  PHE 51  53  53  PHE PHE A . n 
A 1 52  ALA 52  54  54  ALA ALA A . n 
A 1 53  ILE 53  55  55  ILE ILE A . n 
A 1 54  GLN 54  56  56  GLN GLN A . n 
A 1 55  GLU 55  57  57  GLU GLU A . n 
A 1 56  MET 56  58  58  MET MET A . n 
A 1 57  LEU 57  59  59  LEU LEU A . n 
A 1 58  GLN 58  60  60  GLN GLN A . n 
A 1 59  ASN 59  61  61  ASN ASN A . n 
A 1 60  VAL 60  62  62  VAL VAL A . n 
A 1 61  PHE 61  63  63  PHE PHE A . n 
A 1 62  LEU 62  64  64  LEU LEU A . n 
A 1 63  VAL 63  65  65  VAL VAL A . n 
A 1 64  PHE 64  66  66  PHE PHE A . n 
A 1 65  ARG 65  67  67  ARG ARG A . n 
A 1 66  ASN 66  68  68  ASN ASN A . n 
A 1 67  ASN 67  69  69  ASN ASN A . n 
A 1 68  PHE 68  70  70  PHE PHE A . n 
A 1 69  SER 69  71  71  SER SER A . n 
A 1 70  SER 70  72  72  SER SER A . n 
A 1 71  THR 71  73  73  THR THR A . n 
A 1 72  GLY 72  74  74  GLY GLY A . n 
A 1 73  TRP 73  75  75  TRP TRP A . n 
A 1 74  ASN 74  76  76  ASN ASN A . n 
A 1 75  GLU 75  77  77  GLU GLU A . n 
A 1 76  THR 76  78  78  THR THR A . n 
A 1 77  ILE 77  79  79  ILE ILE A . n 
A 1 78  VAL 78  80  80  VAL VAL A . n 
A 1 79  VAL 79  81  81  VAL VAL A . n 
A 1 80  ARG 80  82  82  ARG ARG A . n 
A 1 81  LEU 81  83  83  LEU LEU A . n 
A 1 82  LEU 82  84  84  LEU LEU A . n 
A 1 83  ASP 83  85  85  ASP ASP A . n 
A 1 84  GLU 84  86  86  GLU GLU A . n 
A 1 85  LEU 85  87  87  LEU LEU A . n 
A 1 86  HIS 86  88  88  HIS HIS A . n 
A 1 87  GLN 87  89  89  GLN GLN A . n 
A 1 88  GLN 88  90  90  GLN GLN A . n 
A 1 89  THR 89  91  91  THR THR A . n 
A 1 90  VAL 90  92  92  VAL VAL A . n 
A 1 91  PHE 91  93  93  PHE PHE A . n 
A 1 92  LEU 92  94  94  LEU LEU A . n 
A 1 93  LYS 93  95  95  LYS LYS A . n 
A 1 94  THR 94  96  96  THR THR A . n 
A 1 95  VAL 95  97  97  VAL VAL A . n 
A 1 96  LEU 96  98  98  LEU LEU A . n 
A 1 97  GLU 97  99  99  GLU GLU A . n 
A 1 98  GLU 98  100 100 GLU GLU A . n 
A 1 99  LYS 99  101 101 LYS LYS A . n 
A 1 100 GLN 100 102 102 GLN GLN A . n 
A 1 101 GLU 101 103 103 GLU GLU A . n 
A 1 102 GLU 102 104 104 GLU GLU A . n 
A 1 103 ARG 103 105 105 ARG ARG A . n 
A 1 104 LEU 104 106 106 LEU LEU A . n 
A 1 105 THR 105 107 107 THR THR A . n 
A 1 106 TRP 106 108 108 TRP TRP A . n 
A 1 107 GLU 107 109 109 GLU GLU A . n 
A 1 108 MET 108 110 110 MET MET A . n 
A 1 109 SER 109 111 111 SER SER A . n 
A 1 110 SER 110 112 112 SER SER A . n 
A 1 111 THR 111 113 113 THR THR A . n 
A 1 112 ALA 112 114 114 ALA ALA A . n 
A 1 113 LEU 113 115 115 LEU LEU A . n 
A 1 114 HIS 114 116 116 HIS HIS A . n 
A 1 115 LEU 115 117 117 LEU LEU A . n 
A 1 116 LYS 116 118 118 LYS LYS A . n 
A 1 117 SER 117 119 119 SER SER A . n 
A 1 118 TYR 118 120 120 TYR TYR A . n 
A 1 119 TYR 119 121 121 TYR TYR A . n 
A 1 120 TRP 120 122 122 TRP TRP A . n 
A 1 121 ARG 121 123 123 ARG ARG A . n 
A 1 122 VAL 122 124 124 VAL VAL A . n 
A 1 123 GLN 123 125 125 GLN GLN A . n 
A 1 124 ARG 124 126 126 ARG ARG A . n 
A 1 125 TYR 125 127 127 TYR TYR A . n 
A 1 126 LEU 126 128 128 LEU LEU A . n 
A 1 127 LYS 127 129 129 LYS LYS A . n 
A 1 128 LEU 128 130 130 LEU LEU A . n 
A 1 129 MET 129 131 131 MET MET A . n 
A 1 130 LYS 130 132 132 LYS LYS A . n 
A 1 131 TYR 131 133 133 TYR TYR A . n 
A 1 132 ASN 132 134 134 ASN ASN A . n 
A 1 133 SER 133 135 135 SER SER A . n 
A 1 134 TYR 134 136 136 TYR TYR A . n 
A 1 135 ALA 135 137 137 ALA ALA A . n 
A 1 136 TRP 136 138 138 TRP TRP A . n 
A 1 137 MET 137 139 139 MET MET A . n 
A 1 138 VAL 138 140 140 VAL VAL A . n 
A 1 139 VAL 139 141 141 VAL VAL A . n 
A 1 140 ARG 140 142 142 ARG ARG A . n 
A 1 141 ALA 141 143 143 ALA ALA A . n 
A 1 142 GLU 142 144 144 GLU GLU A . n 
A 1 143 ILE 143 145 145 ILE ILE A . n 
A 1 144 PHE 144 146 146 PHE PHE A . n 
A 1 145 ARG 145 147 147 ARG ARG A . n 
A 1 146 ASN 146 148 148 ASN ASN A . n 
A 1 147 PHE 147 149 149 PHE PHE A . n 
A 1 148 LEU 148 150 150 LEU LEU A . n 
A 1 149 ILE 149 151 151 ILE ILE A . n 
A 1 150 ILE 150 152 152 ILE ILE A . n 
A 1 151 ARG 151 153 153 ARG ARG A . n 
A 1 152 ARG 152 154 154 ARG ARG A . n 
A 1 153 LEU 153 155 155 LEU LEU A . n 
A 1 154 THR 154 156 156 THR THR A . n 
A 1 155 ARG 155 157 157 ARG ARG A . n 
A 1 156 ASN 156 158 158 ASN ASN A . n 
A 1 157 PHE 157 159 159 PHE PHE A . n 
A 1 158 GLN 158 160 160 GLN GLN A . n 
# 
_pdbx_nonpoly_scheme.asym_id         B 
_pdbx_nonpoly_scheme.entity_id       2 
_pdbx_nonpoly_scheme.mon_id          ASN 
_pdbx_nonpoly_scheme.ndb_seq_num     1 
_pdbx_nonpoly_scheme.pdb_seq_num     161 
_pdbx_nonpoly_scheme.auth_seq_num    161 
_pdbx_nonpoly_scheme.pdb_mon_id      ASN 
_pdbx_nonpoly_scheme.auth_mon_id     ASN 
_pdbx_nonpoly_scheme.pdb_strand_id   A 
_pdbx_nonpoly_scheme.pdb_ins_code    . 
# 
loop_
_pdbx_unobs_or_zero_occ_atoms.id 
_pdbx_unobs_or_zero_occ_atoms.PDB_model_num 
_pdbx_unobs_or_zero_occ_atoms.polymer_flag 
_pdbx_unobs_or_zero_occ_atoms.occupancy_flag 
_pdbx_unobs_or_zero_occ_atoms.auth_asym_id 
_pdbx_unobs_or_zero_occ_atoms.auth_comp_id 
_pdbx_unobs_or_zero_occ_atoms.auth_seq_id 
_pdbx_unobs_or_zero_occ_atoms.PDB_ins_code 
_pdbx_unobs_or_zero_occ_atoms.auth_atom_id 
_pdbx_unobs_or_zero_occ_atoms.label_alt_id 
_pdbx_unobs_or_zero_occ_atoms.label_asym_id 
_pdbx_unobs_or_zero_occ_atoms.label_comp_id 
_pdbx_unobs_or_zero_occ_atoms.label_seq_id 
_pdbx_unobs_or_zero_occ_atoms.label_atom_id 
1 1 N 1 A ASN 161 ? N   ? B ASN 1 N   
2 1 N 1 A ASN 161 ? C   ? B ASN 1 C   
3 1 N 1 A ASN 161 ? O   ? B ASN 1 O   
4 1 N 1 A ASN 161 ? CB  ? B ASN 1 CB  
5 1 N 1 A ASN 161 ? CG  ? B ASN 1 CG  
6 1 N 1 A ASN 161 ? OD1 ? B ASN 1 OD1 
7 1 N 1 A ASN 161 ? ND2 ? B ASN 1 ND2 
8 1 N 1 A ASN 161 ? OXT ? B ASN 1 OXT 
# 
loop_
_software.name 
_software.classification 
_software.version 
_software.citation_id 
_software.pdbx_ordinal 
X-PLOR 'model building' . ? 1 
PROLSQ refinement       . ? 2 
X-PLOR refinement       . ? 3 
X-PLOR phasing          . ? 4 
# 
_cell.entry_id           1IFA 
_cell.length_a           71.400 
_cell.length_b           71.400 
_cell.length_c           79.600 
_cell.angle_alpha        90.00 
_cell.angle_beta         90.00 
_cell.angle_gamma        120.00 
_cell.Z_PDB              6 
_cell.pdbx_unique_axis   ? 
# 
_symmetry.entry_id                         1IFA 
_symmetry.space_group_name_H-M             'P 65' 
_symmetry.pdbx_full_space_group_name_H-M   ? 
_symmetry.cell_setting                     ? 
_symmetry.Int_Tables_number                170 
# 
_exptl.entry_id          1IFA 
_exptl.method            'X-RAY DIFFRACTION' 
_exptl.crystals_number   ? 
# 
_exptl_crystal.id                    1 
_exptl_crystal.density_meas          ? 
_exptl_crystal.density_Matthews      3.02 
_exptl_crystal.density_percent_sol   59.22 
_exptl_crystal.description           ? 
# 
_diffrn.id                     1 
_diffrn.ambient_temp           ? 
_diffrn.ambient_temp_details   ? 
_diffrn.crystal_id             1 
# 
_diffrn_radiation.diffrn_id                        1 
_diffrn_radiation.wavelength_id                    1 
_diffrn_radiation.pdbx_monochromatic_or_laue_m_l   ? 
_diffrn_radiation.monochromator                    ? 
_diffrn_radiation.pdbx_diffrn_protocol             ? 
_diffrn_radiation.pdbx_scattering_type             x-ray 
# 
_diffrn_radiation_wavelength.id           1 
_diffrn_radiation_wavelength.wavelength   . 
_diffrn_radiation_wavelength.wt           1.0 
# 
_refine.entry_id                                 1IFA 
_refine.ls_number_reflns_obs                     ? 
_refine.ls_number_reflns_all                     ? 
_refine.pdbx_ls_sigma_I                          ? 
_refine.pdbx_ls_sigma_F                          ? 
_refine.pdbx_data_cutoff_high_absF               ? 
_refine.pdbx_data_cutoff_low_absF                ? 
_refine.pdbx_data_cutoff_high_rms_absF           ? 
_refine.ls_d_res_low                             ? 
_refine.ls_d_res_high                            2.6 
_refine.ls_percent_reflns_obs                    ? 
_refine.ls_R_factor_obs                          0.2050000 
_refine.ls_R_factor_all                          ? 
_refine.ls_R_factor_R_work                       0.2050000 
_refine.ls_R_factor_R_free                       ? 
_refine.ls_R_factor_R_free_error                 ? 
_refine.ls_R_factor_R_free_error_details         ? 
_refine.ls_percent_reflns_R_free                 ? 
_refine.ls_number_reflns_R_free                  ? 
_refine.ls_number_parameters                     ? 
_refine.ls_number_restraints                     ? 
_refine.occupancy_min                            ? 
_refine.occupancy_max                            ? 
_refine.B_iso_mean                               ? 
_refine.aniso_B[1][1]                            ? 
_refine.aniso_B[2][2]                            ? 
_refine.aniso_B[3][3]                            ? 
_refine.aniso_B[1][2]                            ? 
_refine.aniso_B[1][3]                            ? 
_refine.aniso_B[2][3]                            ? 
_refine.solvent_model_details                    ? 
_refine.solvent_model_param_ksol                 ? 
_refine.solvent_model_param_bsol                 ? 
_refine.pdbx_ls_cross_valid_method               ? 
_refine.details                                  ? 
_refine.pdbx_starting_model                      ? 
_refine.pdbx_method_to_determine_struct          ? 
_refine.pdbx_isotropic_thermal_model             ? 
_refine.pdbx_stereochemistry_target_values       ? 
_refine.pdbx_stereochem_target_val_spec_case     ? 
_refine.pdbx_R_Free_selection_details            ? 
_refine.pdbx_overall_ESU_R                       ? 
_refine.pdbx_overall_ESU_R_Free                  ? 
_refine.overall_SU_ML                            ? 
_refine.overall_SU_B                             ? 
_refine.pdbx_refine_id                           'X-RAY DIFFRACTION' 
_refine.pdbx_diffrn_id                           1 
_refine.pdbx_TLS_residual_ADP_flag               ? 
_refine.correlation_coeff_Fo_to_Fc               ? 
_refine.correlation_coeff_Fo_to_Fc_free          ? 
_refine.pdbx_solvent_vdw_probe_radii             ? 
_refine.pdbx_solvent_ion_probe_radii             ? 
_refine.pdbx_solvent_shrinkage_radii             ? 
_refine.pdbx_overall_phase_error                 ? 
_refine.overall_SU_R_Cruickshank_DPI             ? 
_refine.pdbx_overall_SU_R_free_Cruickshank_DPI   ? 
_refine.pdbx_overall_SU_R_Blow_DPI               ? 
_refine.pdbx_overall_SU_R_free_Blow_DPI          ? 
# 
_refine_hist.pdbx_refine_id                   'X-RAY DIFFRACTION' 
_refine_hist.cycle_id                         LAST 
_refine_hist.pdbx_number_atoms_protein        158 
_refine_hist.pdbx_number_atoms_nucleic_acid   0 
_refine_hist.pdbx_number_atoms_ligand         1 
_refine_hist.number_atoms_solvent             0 
_refine_hist.number_atoms_total               159 
_refine_hist.d_res_high                       2.6 
_refine_hist.d_res_low                        . 
# 
loop_
_refine_ls_restr.type 
_refine_ls_restr.dev_ideal 
_refine_ls_restr.dev_ideal_target 
_refine_ls_restr.weight 
_refine_ls_restr.number 
_refine_ls_restr.pdbx_refine_id 
_refine_ls_restr.pdbx_restraint_function 
x_bond_d                0.016 ? ? ? 'X-RAY DIFFRACTION' ? 
x_bond_d_na             ?     ? ? ? 'X-RAY DIFFRACTION' ? 
x_bond_d_prot           ?     ? ? ? 'X-RAY DIFFRACTION' ? 
x_angle_d               ?     ? ? ? 'X-RAY DIFFRACTION' ? 
x_angle_d_na            ?     ? ? ? 'X-RAY DIFFRACTION' ? 
x_angle_d_prot          ?     ? ? ? 'X-RAY DIFFRACTION' ? 
x_angle_deg             ?     ? ? ? 'X-RAY DIFFRACTION' ? 
x_angle_deg_na          ?     ? ? ? 'X-RAY DIFFRACTION' ? 
x_angle_deg_prot        ?     ? ? ? 'X-RAY DIFFRACTION' ? 
x_dihedral_angle_d      ?     ? ? ? 'X-RAY DIFFRACTION' ? 
x_dihedral_angle_d_na   ?     ? ? ? 'X-RAY DIFFRACTION' ? 
x_dihedral_angle_d_prot ?     ? ? ? 'X-RAY DIFFRACTION' ? 
x_improper_angle_d      ?     ? ? ? 'X-RAY DIFFRACTION' ? 
x_improper_angle_d_na   ?     ? ? ? 'X-RAY DIFFRACTION' ? 
x_improper_angle_d_prot ?     ? ? ? 'X-RAY DIFFRACTION' ? 
x_mcbond_it             ?     ? ? ? 'X-RAY DIFFRACTION' ? 
x_mcangle_it            ?     ? ? ? 'X-RAY DIFFRACTION' ? 
x_scbond_it             ?     ? ? ? 'X-RAY DIFFRACTION' ? 
x_scangle_it            ?     ? ? ? 'X-RAY DIFFRACTION' ? 
# 
_struct.entry_id                  1IFA 
_struct.title                     'THREE-DIMENSIONAL CRYSTAL STRUCTURE OF RECOMBINANT MURINE INTERFERON-BETA' 
_struct.pdbx_model_details        ? 
_struct.pdbx_CASP_flag            ? 
_struct.pdbx_model_type_details   ? 
# 
_struct_keywords.entry_id        1IFA 
_struct_keywords.pdbx_keywords   GLYCOPROTEIN 
_struct_keywords.text            GLYCOPROTEIN 
# 
loop_
_struct_asym.id 
_struct_asym.pdbx_blank_PDB_chainid_flag 
_struct_asym.pdbx_modified 
_struct_asym.entity_id 
_struct_asym.details 
A N N 1 ? 
B N N 2 ? 
# 
_struct_ref.id                         1 
_struct_ref.db_name                    UNP 
_struct_ref.db_code                    IFNB_MOUSE 
_struct_ref.entity_id                  1 
_struct_ref.pdbx_db_accession          P01575 
_struct_ref.pdbx_align_begin           1 
_struct_ref.pdbx_seq_one_letter_code   
;MNNRWILHAAFLLCFSTTALSINYKQLQLQERTNIRKCQELLEQLNGKINLTYRADFKIPMEMTEKMQKSYTAFAIQEML
QNVFLVFRNNFSSTGWNETIVVRLLDELHQQTVFLKTVLEEKQEERLTWEMSSTALHLKSYYWRVQRYLKLMKYNSYAWM
VVRAEIFRNFLIIRRLTRNFQN
;
_struct_ref.pdbx_db_isoform            ? 
# 
_struct_ref_seq.align_id                      1 
_struct_ref_seq.ref_id                        1 
_struct_ref_seq.pdbx_PDB_id_code              1IFA 
_struct_ref_seq.pdbx_strand_id                A 
_struct_ref_seq.seq_align_beg                 1 
_struct_ref_seq.pdbx_seq_align_beg_ins_code   ? 
_struct_ref_seq.seq_align_end                 158 
_struct_ref_seq.pdbx_seq_align_end_ins_code   ? 
_struct_ref_seq.pdbx_db_accession             P01575 
_struct_ref_seq.db_align_beg                  24 
_struct_ref_seq.pdbx_db_align_beg_ins_code    ? 
_struct_ref_seq.db_align_end                  181 
_struct_ref_seq.pdbx_db_align_end_ins_code    ? 
_struct_ref_seq.pdbx_auth_seq_align_beg       3 
_struct_ref_seq.pdbx_auth_seq_align_end       160 
# 
_pdbx_struct_assembly.id                   1 
_pdbx_struct_assembly.details              author_defined_assembly 
_pdbx_struct_assembly.method_details       ? 
_pdbx_struct_assembly.oligomeric_details   monomeric 
_pdbx_struct_assembly.oligomeric_count     1 
# 
_pdbx_struct_assembly_gen.assembly_id       1 
_pdbx_struct_assembly_gen.oper_expression   1 
_pdbx_struct_assembly_gen.asym_id_list      A,B 
# 
_pdbx_struct_oper_list.id                   1 
_pdbx_struct_oper_list.type                 'identity operation' 
_pdbx_struct_oper_list.name                 1_555 
_pdbx_struct_oper_list.symmetry_operation   x,y,z 
_pdbx_struct_oper_list.matrix[1][1]         1.0000000000 
_pdbx_struct_oper_list.matrix[1][2]         0.0000000000 
_pdbx_struct_oper_list.matrix[1][3]         0.0000000000 
_pdbx_struct_oper_list.vector[1]            0.0000000000 
_pdbx_struct_oper_list.matrix[2][1]         0.0000000000 
_pdbx_struct_oper_list.matrix[2][2]         1.0000000000 
_pdbx_struct_oper_list.matrix[2][3]         0.0000000000 
_pdbx_struct_oper_list.vector[2]            0.0000000000 
_pdbx_struct_oper_list.matrix[3][1]         0.0000000000 
_pdbx_struct_oper_list.matrix[3][2]         0.0000000000 
_pdbx_struct_oper_list.matrix[3][3]         1.0000000000 
_pdbx_struct_oper_list.vector[3]            0.0000000000 
# 
_struct_biol.id   1 
# 
loop_
_struct_conf.conf_type_id 
_struct_conf.id 
_struct_conf.pdbx_PDB_helix_id 
_struct_conf.beg_label_comp_id 
_struct_conf.beg_label_asym_id 
_struct_conf.beg_label_seq_id 
_struct_conf.pdbx_beg_PDB_ins_code 
_struct_conf.end_label_comp_id 
_struct_conf.end_label_asym_id 
_struct_conf.end_label_seq_id 
_struct_conf.pdbx_end_PDB_ins_code 
_struct_conf.beg_auth_comp_id 
_struct_conf.beg_auth_asym_id 
_struct_conf.beg_auth_seq_id 
_struct_conf.end_auth_comp_id 
_struct_conf.end_auth_asym_id 
_struct_conf.end_auth_seq_id 
_struct_conf.pdbx_PDB_helix_class 
_struct_conf.details 
_struct_conf.pdbx_PDB_helix_length 
HELX_P HELX_P1 A LEU A 4   ? GLN A 21  ? LEU A 6   GLN A 23  1 ? 18 
HELX_P HELX_P2 B SER A 47  ? VAL A 63  ? SER A 49  VAL A 65  1 ? 17 
HELX_P HELX_P3 C GLU A 75  ? THR A 89  ? GLU A 77  THR A 91  1 ? 15 
HELX_P HELX_P4 D SER A 110 ? MET A 129 ? SER A 112 MET A 131 1 ? 20 
HELX_P HELX_P5 E SER A 133 ? LEU A 153 ? SER A 135 LEU A 155 1 ? 21 
# 
_struct_conf_type.id          HELX_P 
_struct_conf_type.criteria    ? 
_struct_conf_type.reference   ? 
# 
_pdbx_entry_details.entry_id                 1IFA 
_pdbx_entry_details.compound_details         
;AS DEDUCED FROM GENE-MANIPULATING EXPERIMENTS ON THE
INTERFERON-ALPHA THE FUNCTIONALLY IMPORTANT POLYPEPTIDE
SEGMENTS ARE ON THE LOOP AB, ON THE HELIX D, AND ON THE
LOOP DE. THESE SEGMENTS ARE SPATIALLY CLOSE TO EACH OTHER
AND FORM A HOT AREA WHICH IS MOST PROBABLY THE BINDING SITE
TO THE COGNATE RECEPTORS.
;
_pdbx_entry_details.source_details           ? 
_pdbx_entry_details.nonpolymer_details       ? 
_pdbx_entry_details.sequence_details         ? 
_pdbx_entry_details.has_ligand_of_interest   ? 
# 
loop_
_chem_comp_atom.comp_id 
_chem_comp_atom.atom_id 
_chem_comp_atom.type_symbol 
_chem_comp_atom.pdbx_aromatic_flag 
_chem_comp_atom.pdbx_stereo_config 
_chem_comp_atom.pdbx_ordinal 
ALA N    N N N 1   
ALA CA   C N S 2   
ALA C    C N N 3   
ALA O    O N N 4   
ALA CB   C N N 5   
ALA OXT  O N N 6   
ALA H    H N N 7   
ALA H2   H N N 8   
ALA HA   H N N 9   
ALA HB1  H N N 10  
ALA HB2  H N N 11  
ALA HB3  H N N 12  
ALA HXT  H N N 13  
ARG N    N N N 14  
ARG CA   C N S 15  
ARG C    C N N 16  
ARG O    O N N 17  
ARG CB   C N N 18  
ARG CG   C N N 19  
ARG CD   C N N 20  
ARG NE   N N N 21  
ARG CZ   C N N 22  
ARG NH1  N N N 23  
ARG NH2  N N N 24  
ARG OXT  O N N 25  
ARG H    H N N 26  
ARG H2   H N N 27  
ARG HA   H N N 28  
ARG HB2  H N N 29  
ARG HB3  H N N 30  
ARG HG2  H N N 31  
ARG HG3  H N N 32  
ARG HD2  H N N 33  
ARG HD3  H N N 34  
ARG HE   H N N 35  
ARG HH11 H N N 36  
ARG HH12 H N N 37  
ARG HH21 H N N 38  
ARG HH22 H N N 39  
ARG HXT  H N N 40  
ASN N    N N N 41  
ASN CA   C N S 42  
ASN C    C N N 43  
ASN O    O N N 44  
ASN CB   C N N 45  
ASN CG   C N N 46  
ASN OD1  O N N 47  
ASN ND2  N N N 48  
ASN OXT  O N N 49  
ASN H    H N N 50  
ASN H2   H N N 51  
ASN HA   H N N 52  
ASN HB2  H N N 53  
ASN HB3  H N N 54  
ASN HD21 H N N 55  
ASN HD22 H N N 56  
ASN HXT  H N N 57  
ASP N    N N N 58  
ASP CA   C N S 59  
ASP C    C N N 60  
ASP O    O N N 61  
ASP CB   C N N 62  
ASP CG   C N N 63  
ASP OD1  O N N 64  
ASP OD2  O N N 65  
ASP OXT  O N N 66  
ASP H    H N N 67  
ASP H2   H N N 68  
ASP HA   H N N 69  
ASP HB2  H N N 70  
ASP HB3  H N N 71  
ASP HD2  H N N 72  
ASP HXT  H N N 73  
CYS N    N N N 74  
CYS CA   C N R 75  
CYS C    C N N 76  
CYS O    O N N 77  
CYS CB   C N N 78  
CYS SG   S N N 79  
CYS OXT  O N N 80  
CYS H    H N N 81  
CYS H2   H N N 82  
CYS HA   H N N 83  
CYS HB2  H N N 84  
CYS HB3  H N N 85  
CYS HG   H N N 86  
CYS HXT  H N N 87  
GLN N    N N N 88  
GLN CA   C N S 89  
GLN C    C N N 90  
GLN O    O N N 91  
GLN CB   C N N 92  
GLN CG   C N N 93  
GLN CD   C N N 94  
GLN OE1  O N N 95  
GLN NE2  N N N 96  
GLN OXT  O N N 97  
GLN H    H N N 98  
GLN H2   H N N 99  
GLN HA   H N N 100 
GLN HB2  H N N 101 
GLN HB3  H N N 102 
GLN HG2  H N N 103 
GLN HG3  H N N 104 
GLN HE21 H N N 105 
GLN HE22 H N N 106 
GLN HXT  H N N 107 
GLU N    N N N 108 
GLU CA   C N S 109 
GLU C    C N N 110 
GLU O    O N N 111 
GLU CB   C N N 112 
GLU CG   C N N 113 
GLU CD   C N N 114 
GLU OE1  O N N 115 
GLU OE2  O N N 116 
GLU OXT  O N N 117 
GLU H    H N N 118 
GLU H2   H N N 119 
GLU HA   H N N 120 
GLU HB2  H N N 121 
GLU HB3  H N N 122 
GLU HG2  H N N 123 
GLU HG3  H N N 124 
GLU HE2  H N N 125 
GLU HXT  H N N 126 
GLY N    N N N 127 
GLY CA   C N N 128 
GLY C    C N N 129 
GLY O    O N N 130 
GLY OXT  O N N 131 
GLY H    H N N 132 
GLY H2   H N N 133 
GLY HA2  H N N 134 
GLY HA3  H N N 135 
GLY HXT  H N N 136 
HIS N    N N N 137 
HIS CA   C N S 138 
HIS C    C N N 139 
HIS O    O N N 140 
HIS CB   C N N 141 
HIS CG   C Y N 142 
HIS ND1  N Y N 143 
HIS CD2  C Y N 144 
HIS CE1  C Y N 145 
HIS NE2  N Y N 146 
HIS OXT  O N N 147 
HIS H    H N N 148 
HIS H2   H N N 149 
HIS HA   H N N 150 
HIS HB2  H N N 151 
HIS HB3  H N N 152 
HIS HD1  H N N 153 
HIS HD2  H N N 154 
HIS HE1  H N N 155 
HIS HE2  H N N 156 
HIS HXT  H N N 157 
ILE N    N N N 158 
ILE CA   C N S 159 
ILE C    C N N 160 
ILE O    O N N 161 
ILE CB   C N S 162 
ILE CG1  C N N 163 
ILE CG2  C N N 164 
ILE CD1  C N N 165 
ILE OXT  O N N 166 
ILE H    H N N 167 
ILE H2   H N N 168 
ILE HA   H N N 169 
ILE HB   H N N 170 
ILE HG12 H N N 171 
ILE HG13 H N N 172 
ILE HG21 H N N 173 
ILE HG22 H N N 174 
ILE HG23 H N N 175 
ILE HD11 H N N 176 
ILE HD12 H N N 177 
ILE HD13 H N N 178 
ILE HXT  H N N 179 
LEU N    N N N 180 
LEU CA   C N S 181 
LEU C    C N N 182 
LEU O    O N N 183 
LEU CB   C N N 184 
LEU CG   C N N 185 
LEU CD1  C N N 186 
LEU CD2  C N N 187 
LEU OXT  O N N 188 
LEU H    H N N 189 
LEU H2   H N N 190 
LEU HA   H N N 191 
LEU HB2  H N N 192 
LEU HB3  H N N 193 
LEU HG   H N N 194 
LEU HD11 H N N 195 
LEU HD12 H N N 196 
LEU HD13 H N N 197 
LEU HD21 H N N 198 
LEU HD22 H N N 199 
LEU HD23 H N N 200 
LEU HXT  H N N 201 
LYS N    N N N 202 
LYS CA   C N S 203 
LYS C    C N N 204 
LYS O    O N N 205 
LYS CB   C N N 206 
LYS CG   C N N 207 
LYS CD   C N N 208 
LYS CE   C N N 209 
LYS NZ   N N N 210 
LYS OXT  O N N 211 
LYS H    H N N 212 
LYS H2   H N N 213 
LYS HA   H N N 214 
LYS HB2  H N N 215 
LYS HB3  H N N 216 
LYS HG2  H N N 217 
LYS HG3  H N N 218 
LYS HD2  H N N 219 
LYS HD3  H N N 220 
LYS HE2  H N N 221 
LYS HE3  H N N 222 
LYS HZ1  H N N 223 
LYS HZ2  H N N 224 
LYS HZ3  H N N 225 
LYS HXT  H N N 226 
MET N    N N N 227 
MET CA   C N S 228 
MET C    C N N 229 
MET O    O N N 230 
MET CB   C N N 231 
MET CG   C N N 232 
MET SD   S N N 233 
MET CE   C N N 234 
MET OXT  O N N 235 
MET H    H N N 236 
MET H2   H N N 237 
MET HA   H N N 238 
MET HB2  H N N 239 
MET HB3  H N N 240 
MET HG2  H N N 241 
MET HG3  H N N 242 
MET HE1  H N N 243 
MET HE2  H N N 244 
MET HE3  H N N 245 
MET HXT  H N N 246 
PHE N    N N N 247 
PHE CA   C N S 248 
PHE C    C N N 249 
PHE O    O N N 250 
PHE CB   C N N 251 
PHE CG   C Y N 252 
PHE CD1  C Y N 253 
PHE CD2  C Y N 254 
PHE CE1  C Y N 255 
PHE CE2  C Y N 256 
PHE CZ   C Y N 257 
PHE OXT  O N N 258 
PHE H    H N N 259 
PHE H2   H N N 260 
PHE HA   H N N 261 
PHE HB2  H N N 262 
PHE HB3  H N N 263 
PHE HD1  H N N 264 
PHE HD2  H N N 265 
PHE HE1  H N N 266 
PHE HE2  H N N 267 
PHE HZ   H N N 268 
PHE HXT  H N N 269 
PRO N    N N N 270 
PRO CA   C N S 271 
PRO C    C N N 272 
PRO O    O N N 273 
PRO CB   C N N 274 
PRO CG   C N N 275 
PRO CD   C N N 276 
PRO OXT  O N N 277 
PRO H    H N N 278 
PRO HA   H N N 279 
PRO HB2  H N N 280 
PRO HB3  H N N 281 
PRO HG2  H N N 282 
PRO HG3  H N N 283 
PRO HD2  H N N 284 
PRO HD3  H N N 285 
PRO HXT  H N N 286 
SER N    N N N 287 
SER CA   C N S 288 
SER C    C N N 289 
SER O    O N N 290 
SER CB   C N N 291 
SER OG   O N N 292 
SER OXT  O N N 293 
SER H    H N N 294 
SER H2   H N N 295 
SER HA   H N N 296 
SER HB2  H N N 297 
SER HB3  H N N 298 
SER HG   H N N 299 
SER HXT  H N N 300 
THR N    N N N 301 
THR CA   C N S 302 
THR C    C N N 303 
THR O    O N N 304 
THR CB   C N R 305 
THR OG1  O N N 306 
THR CG2  C N N 307 
THR OXT  O N N 308 
THR H    H N N 309 
THR H2   H N N 310 
THR HA   H N N 311 
THR HB   H N N 312 
THR HG1  H N N 313 
THR HG21 H N N 314 
THR HG22 H N N 315 
THR HG23 H N N 316 
THR HXT  H N N 317 
TRP N    N N N 318 
TRP CA   C N S 319 
TRP C    C N N 320 
TRP O    O N N 321 
TRP CB   C N N 322 
TRP CG   C Y N 323 
TRP CD1  C Y N 324 
TRP CD2  C Y N 325 
TRP NE1  N Y N 326 
TRP CE2  C Y N 327 
TRP CE3  C Y N 328 
TRP CZ2  C Y N 329 
TRP CZ3  C Y N 330 
TRP CH2  C Y N 331 
TRP OXT  O N N 332 
TRP H    H N N 333 
TRP H2   H N N 334 
TRP HA   H N N 335 
TRP HB2  H N N 336 
TRP HB3  H N N 337 
TRP HD1  H N N 338 
TRP HE1  H N N 339 
TRP HE3  H N N 340 
TRP HZ2  H N N 341 
TRP HZ3  H N N 342 
TRP HH2  H N N 343 
TRP HXT  H N N 344 
TYR N    N N N 345 
TYR CA   C N S 346 
TYR C    C N N 347 
TYR O    O N N 348 
TYR CB   C N N 349 
TYR CG   C Y N 350 
TYR CD1  C Y N 351 
TYR CD2  C Y N 352 
TYR CE1  C Y N 353 
TYR CE2  C Y N 354 
TYR CZ   C Y N 355 
TYR OH   O N N 356 
TYR OXT  O N N 357 
TYR H    H N N 358 
TYR H2   H N N 359 
TYR HA   H N N 360 
TYR HB2  H N N 361 
TYR HB3  H N N 362 
TYR HD1  H N N 363 
TYR HD2  H N N 364 
TYR HE1  H N N 365 
TYR HE2  H N N 366 
TYR HH   H N N 367 
TYR HXT  H N N 368 
VAL N    N N N 369 
VAL CA   C N S 370 
VAL C    C N N 371 
VAL O    O N N 372 
VAL CB   C N N 373 
VAL CG1  C N N 374 
VAL CG2  C N N 375 
VAL OXT  O N N 376 
VAL H    H N N 377 
VAL H2   H N N 378 
VAL HA   H N N 379 
VAL HB   H N N 380 
VAL HG11 H N N 381 
VAL HG12 H N N 382 
VAL HG13 H N N 383 
VAL HG21 H N N 384 
VAL HG22 H N N 385 
VAL HG23 H N N 386 
VAL HXT  H N N 387 
# 
loop_
_chem_comp_bond.comp_id 
_chem_comp_bond.atom_id_1 
_chem_comp_bond.atom_id_2 
_chem_comp_bond.value_order 
_chem_comp_bond.pdbx_aromatic_flag 
_chem_comp_bond.pdbx_stereo_config 
_chem_comp_bond.pdbx_ordinal 
ALA N   CA   sing N N 1   
ALA N   H    sing N N 2   
ALA N   H2   sing N N 3   
ALA CA  C    sing N N 4   
ALA CA  CB   sing N N 5   
ALA CA  HA   sing N N 6   
ALA C   O    doub N N 7   
ALA C   OXT  sing N N 8   
ALA CB  HB1  sing N N 9   
ALA CB  HB2  sing N N 10  
ALA CB  HB3  sing N N 11  
ALA OXT HXT  sing N N 12  
ARG N   CA   sing N N 13  
ARG N   H    sing N N 14  
ARG N   H2   sing N N 15  
ARG CA  C    sing N N 16  
ARG CA  CB   sing N N 17  
ARG CA  HA   sing N N 18  
ARG C   O    doub N N 19  
ARG C   OXT  sing N N 20  
ARG CB  CG   sing N N 21  
ARG CB  HB2  sing N N 22  
ARG CB  HB3  sing N N 23  
ARG CG  CD   sing N N 24  
ARG CG  HG2  sing N N 25  
ARG CG  HG3  sing N N 26  
ARG CD  NE   sing N N 27  
ARG CD  HD2  sing N N 28  
ARG CD  HD3  sing N N 29  
ARG NE  CZ   sing N N 30  
ARG NE  HE   sing N N 31  
ARG CZ  NH1  sing N N 32  
ARG CZ  NH2  doub N N 33  
ARG NH1 HH11 sing N N 34  
ARG NH1 HH12 sing N N 35  
ARG NH2 HH21 sing N N 36  
ARG NH2 HH22 sing N N 37  
ARG OXT HXT  sing N N 38  
ASN N   CA   sing N N 39  
ASN N   H    sing N N 40  
ASN N   H2   sing N N 41  
ASN CA  C    sing N N 42  
ASN CA  CB   sing N N 43  
ASN CA  HA   sing N N 44  
ASN C   O    doub N N 45  
ASN C   OXT  sing N N 46  
ASN CB  CG   sing N N 47  
ASN CB  HB2  sing N N 48  
ASN CB  HB3  sing N N 49  
ASN CG  OD1  doub N N 50  
ASN CG  ND2  sing N N 51  
ASN ND2 HD21 sing N N 52  
ASN ND2 HD22 sing N N 53  
ASN OXT HXT  sing N N 54  
ASP N   CA   sing N N 55  
ASP N   H    sing N N 56  
ASP N   H2   sing N N 57  
ASP CA  C    sing N N 58  
ASP CA  CB   sing N N 59  
ASP CA  HA   sing N N 60  
ASP C   O    doub N N 61  
ASP C   OXT  sing N N 62  
ASP CB  CG   sing N N 63  
ASP CB  HB2  sing N N 64  
ASP CB  HB3  sing N N 65  
ASP CG  OD1  doub N N 66  
ASP CG  OD2  sing N N 67  
ASP OD2 HD2  sing N N 68  
ASP OXT HXT  sing N N 69  
CYS N   CA   sing N N 70  
CYS N   H    sing N N 71  
CYS N   H2   sing N N 72  
CYS CA  C    sing N N 73  
CYS CA  CB   sing N N 74  
CYS CA  HA   sing N N 75  
CYS C   O    doub N N 76  
CYS C   OXT  sing N N 77  
CYS CB  SG   sing N N 78  
CYS CB  HB2  sing N N 79  
CYS CB  HB3  sing N N 80  
CYS SG  HG   sing N N 81  
CYS OXT HXT  sing N N 82  
GLN N   CA   sing N N 83  
GLN N   H    sing N N 84  
GLN N   H2   sing N N 85  
GLN CA  C    sing N N 86  
GLN CA  CB   sing N N 87  
GLN CA  HA   sing N N 88  
GLN C   O    doub N N 89  
GLN C   OXT  sing N N 90  
GLN CB  CG   sing N N 91  
GLN CB  HB2  sing N N 92  
GLN CB  HB3  sing N N 93  
GLN CG  CD   sing N N 94  
GLN CG  HG2  sing N N 95  
GLN CG  HG3  sing N N 96  
GLN CD  OE1  doub N N 97  
GLN CD  NE2  sing N N 98  
GLN NE2 HE21 sing N N 99  
GLN NE2 HE22 sing N N 100 
GLN OXT HXT  sing N N 101 
GLU N   CA   sing N N 102 
GLU N   H    sing N N 103 
GLU N   H2   sing N N 104 
GLU CA  C    sing N N 105 
GLU CA  CB   sing N N 106 
GLU CA  HA   sing N N 107 
GLU C   O    doub N N 108 
GLU C   OXT  sing N N 109 
GLU CB  CG   sing N N 110 
GLU CB  HB2  sing N N 111 
GLU CB  HB3  sing N N 112 
GLU CG  CD   sing N N 113 
GLU CG  HG2  sing N N 114 
GLU CG  HG3  sing N N 115 
GLU CD  OE1  doub N N 116 
GLU CD  OE2  sing N N 117 
GLU OE2 HE2  sing N N 118 
GLU OXT HXT  sing N N 119 
GLY N   CA   sing N N 120 
GLY N   H    sing N N 121 
GLY N   H2   sing N N 122 
GLY CA  C    sing N N 123 
GLY CA  HA2  sing N N 124 
GLY CA  HA3  sing N N 125 
GLY C   O    doub N N 126 
GLY C   OXT  sing N N 127 
GLY OXT HXT  sing N N 128 
HIS N   CA   sing N N 129 
HIS N   H    sing N N 130 
HIS N   H2   sing N N 131 
HIS CA  C    sing N N 132 
HIS CA  CB   sing N N 133 
HIS CA  HA   sing N N 134 
HIS C   O    doub N N 135 
HIS C   OXT  sing N N 136 
HIS CB  CG   sing N N 137 
HIS CB  HB2  sing N N 138 
HIS CB  HB3  sing N N 139 
HIS CG  ND1  sing Y N 140 
HIS CG  CD2  doub Y N 141 
HIS ND1 CE1  doub Y N 142 
HIS ND1 HD1  sing N N 143 
HIS CD2 NE2  sing Y N 144 
HIS CD2 HD2  sing N N 145 
HIS CE1 NE2  sing Y N 146 
HIS CE1 HE1  sing N N 147 
HIS NE2 HE2  sing N N 148 
HIS OXT HXT  sing N N 149 
ILE N   CA   sing N N 150 
ILE N   H    sing N N 151 
ILE N   H2   sing N N 152 
ILE CA  C    sing N N 153 
ILE CA  CB   sing N N 154 
ILE CA  HA   sing N N 155 
ILE C   O    doub N N 156 
ILE C   OXT  sing N N 157 
ILE CB  CG1  sing N N 158 
ILE CB  CG2  sing N N 159 
ILE CB  HB   sing N N 160 
ILE CG1 CD1  sing N N 161 
ILE CG1 HG12 sing N N 162 
ILE CG1 HG13 sing N N 163 
ILE CG2 HG21 sing N N 164 
ILE CG2 HG22 sing N N 165 
ILE CG2 HG23 sing N N 166 
ILE CD1 HD11 sing N N 167 
ILE CD1 HD12 sing N N 168 
ILE CD1 HD13 sing N N 169 
ILE OXT HXT  sing N N 170 
LEU N   CA   sing N N 171 
LEU N   H    sing N N 172 
LEU N   H2   sing N N 173 
LEU CA  C    sing N N 174 
LEU CA  CB   sing N N 175 
LEU CA  HA   sing N N 176 
LEU C   O    doub N N 177 
LEU C   OXT  sing N N 178 
LEU CB  CG   sing N N 179 
LEU CB  HB2  sing N N 180 
LEU CB  HB3  sing N N 181 
LEU CG  CD1  sing N N 182 
LEU CG  CD2  sing N N 183 
LEU CG  HG   sing N N 184 
LEU CD1 HD11 sing N N 185 
LEU CD1 HD12 sing N N 186 
LEU CD1 HD13 sing N N 187 
LEU CD2 HD21 sing N N 188 
LEU CD2 HD22 sing N N 189 
LEU CD2 HD23 sing N N 190 
LEU OXT HXT  sing N N 191 
LYS N   CA   sing N N 192 
LYS N   H    sing N N 193 
LYS N   H2   sing N N 194 
LYS CA  C    sing N N 195 
LYS CA  CB   sing N N 196 
LYS CA  HA   sing N N 197 
LYS C   O    doub N N 198 
LYS C   OXT  sing N N 199 
LYS CB  CG   sing N N 200 
LYS CB  HB2  sing N N 201 
LYS CB  HB3  sing N N 202 
LYS CG  CD   sing N N 203 
LYS CG  HG2  sing N N 204 
LYS CG  HG3  sing N N 205 
LYS CD  CE   sing N N 206 
LYS CD  HD2  sing N N 207 
LYS CD  HD3  sing N N 208 
LYS CE  NZ   sing N N 209 
LYS CE  HE2  sing N N 210 
LYS CE  HE3  sing N N 211 
LYS NZ  HZ1  sing N N 212 
LYS NZ  HZ2  sing N N 213 
LYS NZ  HZ3  sing N N 214 
LYS OXT HXT  sing N N 215 
MET N   CA   sing N N 216 
MET N   H    sing N N 217 
MET N   H2   sing N N 218 
MET CA  C    sing N N 219 
MET CA  CB   sing N N 220 
MET CA  HA   sing N N 221 
MET C   O    doub N N 222 
MET C   OXT  sing N N 223 
MET CB  CG   sing N N 224 
MET CB  HB2  sing N N 225 
MET CB  HB3  sing N N 226 
MET CG  SD   sing N N 227 
MET CG  HG2  sing N N 228 
MET CG  HG3  sing N N 229 
MET SD  CE   sing N N 230 
MET CE  HE1  sing N N 231 
MET CE  HE2  sing N N 232 
MET CE  HE3  sing N N 233 
MET OXT HXT  sing N N 234 
PHE N   CA   sing N N 235 
PHE N   H    sing N N 236 
PHE N   H2   sing N N 237 
PHE CA  C    sing N N 238 
PHE CA  CB   sing N N 239 
PHE CA  HA   sing N N 240 
PHE C   O    doub N N 241 
PHE C   OXT  sing N N 242 
PHE CB  CG   sing N N 243 
PHE CB  HB2  sing N N 244 
PHE CB  HB3  sing N N 245 
PHE CG  CD1  doub Y N 246 
PHE CG  CD2  sing Y N 247 
PHE CD1 CE1  sing Y N 248 
PHE CD1 HD1  sing N N 249 
PHE CD2 CE2  doub Y N 250 
PHE CD2 HD2  sing N N 251 
PHE CE1 CZ   doub Y N 252 
PHE CE1 HE1  sing N N 253 
PHE CE2 CZ   sing Y N 254 
PHE CE2 HE2  sing N N 255 
PHE CZ  HZ   sing N N 256 
PHE OXT HXT  sing N N 257 
PRO N   CA   sing N N 258 
PRO N   CD   sing N N 259 
PRO N   H    sing N N 260 
PRO CA  C    sing N N 261 
PRO CA  CB   sing N N 262 
PRO CA  HA   sing N N 263 
PRO C   O    doub N N 264 
PRO C   OXT  sing N N 265 
PRO CB  CG   sing N N 266 
PRO CB  HB2  sing N N 267 
PRO CB  HB3  sing N N 268 
PRO CG  CD   sing N N 269 
PRO CG  HG2  sing N N 270 
PRO CG  HG3  sing N N 271 
PRO CD  HD2  sing N N 272 
PRO CD  HD3  sing N N 273 
PRO OXT HXT  sing N N 274 
SER N   CA   sing N N 275 
SER N   H    sing N N 276 
SER N   H2   sing N N 277 
SER CA  C    sing N N 278 
SER CA  CB   sing N N 279 
SER CA  HA   sing N N 280 
SER C   O    doub N N 281 
SER C   OXT  sing N N 282 
SER CB  OG   sing N N 283 
SER CB  HB2  sing N N 284 
SER CB  HB3  sing N N 285 
SER OG  HG   sing N N 286 
SER OXT HXT  sing N N 287 
THR N   CA   sing N N 288 
THR N   H    sing N N 289 
THR N   H2   sing N N 290 
THR CA  C    sing N N 291 
THR CA  CB   sing N N 292 
THR CA  HA   sing N N 293 
THR C   O    doub N N 294 
THR C   OXT  sing N N 295 
THR CB  OG1  sing N N 296 
THR CB  CG2  sing N N 297 
THR CB  HB   sing N N 298 
THR OG1 HG1  sing N N 299 
THR CG2 HG21 sing N N 300 
THR CG2 HG22 sing N N 301 
THR CG2 HG23 sing N N 302 
THR OXT HXT  sing N N 303 
TRP N   CA   sing N N 304 
TRP N   H    sing N N 305 
TRP N   H2   sing N N 306 
TRP CA  C    sing N N 307 
TRP CA  CB   sing N N 308 
TRP CA  HA   sing N N 309 
TRP C   O    doub N N 310 
TRP C   OXT  sing N N 311 
TRP CB  CG   sing N N 312 
TRP CB  HB2  sing N N 313 
TRP CB  HB3  sing N N 314 
TRP CG  CD1  doub Y N 315 
TRP CG  CD2  sing Y N 316 
TRP CD1 NE1  sing Y N 317 
TRP CD1 HD1  sing N N 318 
TRP CD2 CE2  doub Y N 319 
TRP CD2 CE3  sing Y N 320 
TRP NE1 CE2  sing Y N 321 
TRP NE1 HE1  sing N N 322 
TRP CE2 CZ2  sing Y N 323 
TRP CE3 CZ3  doub Y N 324 
TRP CE3 HE3  sing N N 325 
TRP CZ2 CH2  doub Y N 326 
TRP CZ2 HZ2  sing N N 327 
TRP CZ3 CH2  sing Y N 328 
TRP CZ3 HZ3  sing N N 329 
TRP CH2 HH2  sing N N 330 
TRP OXT HXT  sing N N 331 
TYR N   CA   sing N N 332 
TYR N   H    sing N N 333 
TYR N   H2   sing N N 334 
TYR CA  C    sing N N 335 
TYR CA  CB   sing N N 336 
TYR CA  HA   sing N N 337 
TYR C   O    doub N N 338 
TYR C   OXT  sing N N 339 
TYR CB  CG   sing N N 340 
TYR CB  HB2  sing N N 341 
TYR CB  HB3  sing N N 342 
TYR CG  CD1  doub Y N 343 
TYR CG  CD2  sing Y N 344 
TYR CD1 CE1  sing Y N 345 
TYR CD1 HD1  sing N N 346 
TYR CD2 CE2  doub Y N 347 
TYR CD2 HD2  sing N N 348 
TYR CE1 CZ   doub Y N 349 
TYR CE1 HE1  sing N N 350 
TYR CE2 CZ   sing Y N 351 
TYR CE2 HE2  sing N N 352 
TYR CZ  OH   sing N N 353 
TYR OH  HH   sing N N 354 
TYR OXT HXT  sing N N 355 
VAL N   CA   sing N N 356 
VAL N   H    sing N N 357 
VAL N   H2   sing N N 358 
VAL CA  C    sing N N 359 
VAL CA  CB   sing N N 360 
VAL CA  HA   sing N N 361 
VAL C   O    doub N N 362 
VAL C   OXT  sing N N 363 
VAL CB  CG1  sing N N 364 
VAL CB  CG2  sing N N 365 
VAL CB  HB   sing N N 366 
VAL CG1 HG11 sing N N 367 
VAL CG1 HG12 sing N N 368 
VAL CG1 HG13 sing N N 369 
VAL CG2 HG21 sing N N 370 
VAL CG2 HG22 sing N N 371 
VAL CG2 HG23 sing N N 372 
VAL OXT HXT  sing N N 373 
# 
_pdbx_coordinate_model.asym_id   A 
_pdbx_coordinate_model.type      'CA ATOMS ONLY' 
# 
_atom_sites.entry_id                    1IFA 
_atom_sites.fract_transf_matrix[1][1]   0.01060742 
_atom_sites.fract_transf_matrix[1][2]   0.00571998 
_atom_sites.fract_transf_matrix[1][3]   0.01078498 
_atom_sites.fract_transf_matrix[2][1]   0.00060043 
_atom_sites.fract_transf_matrix[2][2]   0.01585584 
_atom_sites.fract_transf_matrix[2][3]   0.00312496 
_atom_sites.fract_transf_matrix[3][1]   -0.00849330 
_atom_sites.fract_transf_matrix[3][2]   -0.00147936 
_atom_sites.fract_transf_matrix[3][3]   0.00913807 
_atom_sites.fract_transf_vector[1]      0.523591 
_atom_sites.fract_transf_vector[2]      0.674096 
_atom_sites.fract_transf_vector[3]      0.543819 
# 
_atom_type.symbol   C 
# 
loop_
_atom_site.group_PDB 
_atom_site.id 
_atom_site.type_symbol 
_atom_site.label_atom_id 
_atom_site.label_alt_id 
_atom_site.label_comp_id 
_atom_site.label_asym_id 
_atom_site.label_entity_id 
_atom_site.label_seq_id 
_atom_site.pdbx_PDB_ins_code 
_atom_site.Cartn_x 
_atom_site.Cartn_y 
_atom_site.Cartn_z 
_atom_site.occupancy 
_atom_site.B_iso_or_equiv 
_atom_site.pdbx_formal_charge 
_atom_site.auth_seq_id 
_atom_site.auth_comp_id 
_atom_site.auth_asym_id 
_atom_site.auth_atom_id 
_atom_site.pdbx_PDB_model_num 
ATOM   1   C CA . TYR A 1 1   ? 9.311   -0.405  -23.515 1.00 23.48 ? 3   TYR A CA 1 
ATOM   2   C CA . LYS A 1 2   ? 8.101   -1.480  -20.123 1.00 24.34 ? 4   LYS A CA 1 
ATOM   3   C CA . GLN A 1 3   ? 6.868   -4.905  -19.304 1.00 24.10 ? 5   GLN A CA 1 
ATOM   4   C CA . LEU A 1 4   ? 3.311   -4.764  -17.831 1.00 24.64 ? 6   LEU A CA 1 
ATOM   5   C CA . GLN A 1 5   ? 2.010   -8.290  -17.607 1.00 21.50 ? 7   GLN A CA 1 
ATOM   6   C CA . LEU A 1 6   ? 5.327   -9.142  -15.919 1.00 20.87 ? 8   LEU A CA 1 
ATOM   7   C CA . GLN A 1 7   ? 5.536   -6.502  -13.060 1.00 21.42 ? 9   GLN A CA 1 
ATOM   8   C CA . GLU A 1 8   ? 2.282   -8.289  -12.094 1.00 25.05 ? 10  GLU A CA 1 
ATOM   9   C CA . ARG A 1 9   ? 4.943   -10.246 -10.220 1.00 26.75 ? 11  ARG A CA 1 
ATOM   10  C CA . THR A 1 10  ? 3.463   -7.644  -7.811  1.00 27.00 ? 12  THR A CA 1 
ATOM   11  C CA . ASN A 1 11  ? 0.574   -10.080 -7.708  1.00 25.48 ? 13  ASN A CA 1 
ATOM   12  C CA . ILE A 1 12  ? 3.182   -12.492 -6.355  1.00 20.45 ? 14  ILE A CA 1 
ATOM   13  C CA . ARG A 1 13  ? 4.913   -10.228 -3.751  1.00 23.99 ? 15  ARG A CA 1 
ATOM   14  C CA . LYS A 1 14  ? 1.532   -9.007  -2.363  1.00 23.99 ? 16  LYS A CA 1 
ATOM   15  C CA . CYS A 1 15  ? 0.348   -12.429 -1.133  1.00 20.59 ? 17  CYS A CA 1 
ATOM   16  C CA . GLN A 1 16  ? 3.635   -12.541 0.589   1.00 19.14 ? 18  GLN A CA 1 
ATOM   17  C CA . GLU A 1 17  ? 2.639   -9.184  2.067   1.00 20.90 ? 19  GLU A CA 1 
ATOM   18  C CA . LEU A 1 18  ? -0.928  -10.119 2.890   1.00 21.69 ? 20  LEU A CA 1 
ATOM   19  C CA . LEU A 1 19  ? 0.895   -13.231 4.295   1.00 22.45 ? 21  LEU A CA 1 
ATOM   20  C CA . GLU A 1 20  ? 3.159   -11.466 6.834   1.00 22.88 ? 22  GLU A CA 1 
ATOM   21  C CA . GLN A 1 21  ? 0.184   -9.251  7.843   1.00 21.04 ? 23  GLN A CA 1 
ATOM   22  C CA . LEU A 1 22  ? -1.069  -12.199 9.961   1.00 19.71 ? 24  LEU A CA 1 
ATOM   23  C CA . ASN A 1 23  ? 0.855   -11.112 13.046  1.00 19.63 ? 25  ASN A CA 1 
ATOM   24  C CA . GLY A 1 24  ? -1.823  -11.762 15.631  1.00 23.33 ? 26  GLY A CA 1 
ATOM   25  C CA . LYS A 1 25  ? -4.780  -14.157 15.342  1.00 26.75 ? 27  LYS A CA 1 
ATOM   26  C CA . ILE A 1 26  ? -8.120  -14.145 13.518  1.00 27.07 ? 28  ILE A CA 1 
ATOM   27  C CA . ASN A 1 27  ? -8.454  -10.420 13.993  1.00 25.92 ? 29  ASN A CA 1 
ATOM   28  C CA . LEU A 1 28  ? -9.093  -8.944  10.686  1.00 23.39 ? 30  LEU A CA 1 
ATOM   29  C CA . THR A 1 29  ? -12.716 -8.040  11.378  1.00 23.45 ? 31  THR A CA 1 
ATOM   30  C CA . TYR A 1 30  ? -14.907 -5.036  10.351  1.00 20.40 ? 32  TYR A CA 1 
ATOM   31  C CA . ARG A 1 31  ? -13.371 -2.804  7.582   1.00 21.38 ? 33  ARG A CA 1 
ATOM   32  C CA . ALA A 1 32  ? -12.607 0.413   9.472   1.00 22.32 ? 34  ALA A CA 1 
ATOM   33  C CA . ASP A 1 33  ? -13.974 3.820   8.294   1.00 20.96 ? 35  ASP A CA 1 
ATOM   34  C CA . PHE A 1 34  ? -11.250 5.980   6.623   1.00 21.08 ? 36  PHE A CA 1 
ATOM   35  C CA . LYS A 1 35  ? -13.038 6.639   3.245   1.00 20.32 ? 37  LYS A CA 1 
ATOM   36  C CA . ILE A 1 36  ? -11.021 5.174   0.528   1.00 22.51 ? 38  ILE A CA 1 
ATOM   37  C CA . PRO A 1 37  ? -10.489 7.031   -2.705  1.00 19.51 ? 39  PRO A CA 1 
ATOM   38  C CA . MET A 1 38  ? -12.926 5.825   -5.419  1.00 21.10 ? 40  MET A CA 1 
ATOM   39  C CA . GLU A 1 39  ? -10.537 6.319   -8.404  1.00 19.89 ? 41  GLU A CA 1 
ATOM   40  C CA . MET A 1 40  ? -8.197  3.824   -6.674  1.00 22.00 ? 42  MET A CA 1 
ATOM   41  C CA . THR A 1 41  ? -10.490 0.936   -7.916  1.00 23.77 ? 43  THR A CA 1 
ATOM   42  C CA . GLU A 1 42  ? -11.863 2.320   -11.141 1.00 26.73 ? 44  GLU A CA 1 
ATOM   43  C CA . LYS A 1 43  ? -10.009 1.505   -14.307 1.00 24.12 ? 45  LYS A CA 1 
ATOM   44  C CA . MET A 1 44  ? -7.203  3.855   -15.271 1.00 24.26 ? 46  MET A CA 1 
ATOM   45  C CA . GLN A 1 45  ? -4.199  3.250   -17.641 1.00 22.33 ? 47  GLN A CA 1 
ATOM   46  C CA . LYS A 1 46  ? -0.807  1.575   -17.338 1.00 19.81 ? 48  LYS A CA 1 
ATOM   47  C CA . SER A 1 47  ? 1.996   3.117   -15.300 1.00 22.72 ? 49  SER A CA 1 
ATOM   48  C CA . TYR A 1 48  ? -0.748  5.192   -13.734 1.00 23.98 ? 50  TYR A CA 1 
ATOM   49  C CA . THR A 1 49  ? -1.665  1.915   -12.080 1.00 22.74 ? 51  THR A CA 1 
ATOM   50  C CA . ALA A 1 50  ? 2.129   1.567   -11.547 1.00 23.32 ? 52  ALA A CA 1 
ATOM   51  C CA . PHE A 1 51  ? 2.232   5.069   -10.109 1.00 25.33 ? 53  PHE A CA 1 
ATOM   52  C CA . ALA A 1 52  ? -0.966  4.610   -8.038  1.00 22.30 ? 54  ALA A CA 1 
ATOM   53  C CA . ILE A 1 53  ? 0.201   1.303   -6.561  1.00 18.44 ? 55  ILE A CA 1 
ATOM   54  C CA . GLN A 1 54  ? 3.832   2.531   -6.101  1.00 18.08 ? 56  GLN A CA 1 
ATOM   55  C CA . GLU A 1 55  ? 2.557   5.360   -4.040  1.00 18.39 ? 57  GLU A CA 1 
ATOM   56  C CA . MET A 1 56  ? 0.256   3.138   -1.999  1.00 19.15 ? 58  MET A CA 1 
ATOM   57  C CA . LEU A 1 57  ? 3.086   0.790   -1.008  1.00 19.87 ? 59  LEU A CA 1 
ATOM   58  C CA . GLN A 1 58  ? 5.390   3.659   0.077   1.00 19.51 ? 60  GLN A CA 1 
ATOM   59  C CA . ASN A 1 59  ? 2.495   4.958   2.238   1.00 20.03 ? 61  ASN A CA 1 
ATOM   60  C CA . VAL A 1 60  ? 1.795   1.506   3.823   1.00 19.83 ? 62  VAL A CA 1 
ATOM   61  C CA . PHE A 1 61  ? 5.492   1.203   4.651   1.00 15.47 ? 63  PHE A CA 1 
ATOM   62  C CA . LEU A 1 62  ? 5.192   4.661   6.339   1.00 13.22 ? 64  LEU A CA 1 
ATOM   63  C CA . VAL A 1 63  ? 2.485   3.608   8.817   1.00 14.64 ? 65  VAL A CA 1 
ATOM   64  C CA . PHE A 1 64  ? 4.553   0.481   9.668   1.00 19.12 ? 66  PHE A CA 1 
ATOM   65  C CA . ARG A 1 65  ? 7.257   2.477   11.451  1.00 22.69 ? 67  ARG A CA 1 
ATOM   66  C CA . ASN A 1 66  ? 4.991   4.421   13.966  1.00 20.47 ? 68  ASN A CA 1 
ATOM   67  C CA . ASN A 1 67  ? 5.827   2.962   17.509  1.00 19.45 ? 69  ASN A CA 1 
ATOM   68  C CA . PHE A 1 68  ? 4.256   -0.008  15.759  1.00 20.89 ? 70  PHE A CA 1 
ATOM   69  C CA . SER A 1 69  ? 4.592   -2.382  18.679  1.00 22.07 ? 71  SER A CA 1 
ATOM   70  C CA . SER A 1 70  ? 0.966   -2.959  19.630  1.00 24.55 ? 72  SER A CA 1 
ATOM   71  C CA . THR A 1 71  ? 0.388   -5.307  22.573  1.00 26.26 ? 73  THR A CA 1 
ATOM   72  C CA . GLY A 1 72  ? 2.485   -8.105  21.137  1.00 26.94 ? 74  GLY A CA 1 
ATOM   73  C CA . TRP A 1 73  ? 3.552   -7.569  17.503  1.00 23.70 ? 75  TRP A CA 1 
ATOM   74  C CA . ASN A 1 74  ? 6.717   -9.489  16.903  1.00 23.60 ? 76  ASN A CA 1 
ATOM   75  C CA . GLU A 1 75  ? 9.304   -6.950  15.835  1.00 21.21 ? 77  GLU A CA 1 
ATOM   76  C CA . THR A 1 76  ? 10.931  -9.306  13.244  1.00 20.41 ? 78  THR A CA 1 
ATOM   77  C CA . ILE A 1 77  ? 7.580   -9.986  11.510  1.00 16.08 ? 79  ILE A CA 1 
ATOM   78  C CA . VAL A 1 78  ? 7.282   -6.288  10.983  1.00 16.78 ? 80  VAL A CA 1 
ATOM   79  C CA . VAL A 1 79  ? 10.959  -6.215  9.827   1.00 19.47 ? 81  VAL A CA 1 
ATOM   80  C CA . ARG A 1 80  ? 10.265  -8.768  7.163   1.00 18.02 ? 82  ARG A CA 1 
ATOM   81  C CA . LEU A 1 81  ? 7.048   -6.873  6.328   1.00 20.24 ? 83  LEU A CA 1 
ATOM   82  C CA . LEU A 1 82  ? 9.060   -3.691  5.754   1.00 20.91 ? 84  LEU A CA 1 
ATOM   83  C CA . ASP A 1 83  ? 11.621  -5.520  3.593   1.00 21.16 ? 85  ASP A CA 1 
ATOM   84  C CA . GLU A 1 84  ? 8.999   -6.679  1.134   1.00 22.82 ? 86  GLU A CA 1 
ATOM   85  C CA . LEU A 1 85  ? 7.241   -3.315  0.496   1.00 24.16 ? 87  LEU A CA 1 
ATOM   86  C CA . HIS A 1 86  ? 10.697  -1.625  0.289   1.00 22.81 ? 88  HIS A CA 1 
ATOM   87  C CA . GLN A 1 87  ? 11.930  -4.295  -2.127  1.00 20.90 ? 89  GLN A CA 1 
ATOM   88  C CA . GLN A 1 88  ? 8.756   -3.558  -4.198  1.00 18.68 ? 90  GLN A CA 1 
ATOM   89  C CA . THR A 1 89  ? 9.778   0.127   -4.061  1.00 20.75 ? 91  THR A CA 1 
ATOM   90  C CA . VAL A 1 90  ? 13.351  -0.248  -5.571  1.00 23.10 ? 92  VAL A CA 1 
ATOM   91  C CA . PHE A 1 91  ? 11.796  -0.235  -9.067  1.00 25.61 ? 93  PHE A CA 1 
ATOM   92  C CA . LEU A 1 92  ? 11.960  3.466   -7.977  1.00 26.08 ? 94  LEU A CA 1 
ATOM   93  C CA . LYS A 1 93  ? 15.644  3.395   -8.413  1.00 26.94 ? 95  LYS A CA 1 
ATOM   94  C CA . THR A 1 94  ? 16.518  0.303   -10.383 1.00 25.87 ? 96  THR A CA 1 
ATOM   95  C CA . VAL A 1 95  ? 17.392  2.513   -13.395 1.00 25.08 ? 97  VAL A CA 1 
ATOM   96  C CA . LEU A 1 96  ? 14.865  5.326   -12.781 1.00 24.42 ? 98  LEU A CA 1 
ATOM   97  C CA . GLU A 1 97  ? 13.543  5.278   -16.371 1.00 25.22 ? 99  GLU A CA 1 
ATOM   98  C CA . GLU A 1 98  ? 10.341  3.472   -15.263 1.00 24.39 ? 100 GLU A CA 1 
ATOM   99  C CA . LYS A 1 99  ? 7.491   4.937   -17.334 1.00 23.44 ? 101 LYS A CA 1 
ATOM   100 C CA . GLN A 1 100 ? 8.003   8.690   -16.830 1.00 23.74 ? 102 GLN A CA 1 
ATOM   101 C CA . GLU A 1 101 ? 8.134   8.423   -20.657 1.00 24.72 ? 103 GLU A CA 1 
ATOM   102 C CA . GLU A 1 102 ? 4.330   8.284   -20.128 1.00 25.12 ? 104 GLU A CA 1 
ATOM   103 C CA . ARG A 1 103 ? 3.718   10.632  -17.095 1.00 24.96 ? 105 ARG A CA 1 
ATOM   104 C CA . LEU A 1 104 ? 2.255   14.184  -17.277 1.00 26.05 ? 106 LEU A CA 1 
ATOM   105 C CA . THR A 1 105 ? 3.216   17.244  -15.272 1.00 27.49 ? 107 THR A CA 1 
ATOM   106 C CA . TRP A 1 106 ? 3.457   14.550  -12.579 1.00 25.33 ? 108 TRP A CA 1 
ATOM   107 C CA . GLU A 1 107 ? 0.462   12.538  -11.362 1.00 22.89 ? 109 GLU A CA 1 
ATOM   108 C CA . MET A 1 108 ? 0.637   14.408  -8.060  1.00 24.82 ? 110 MET A CA 1 
ATOM   109 C CA . SER A 1 109 ? -2.801  16.020  -8.638  1.00 23.98 ? 111 SER A CA 1 
ATOM   110 C CA . SER A 1 110 ? -6.446  14.834  -8.179  1.00 23.60 ? 112 SER A CA 1 
ATOM   111 C CA . THR A 1 111 ? -5.785  11.059  -7.689  1.00 22.43 ? 113 THR A CA 1 
ATOM   112 C CA . ALA A 1 112 ? -2.394  11.378  -5.968  1.00 22.15 ? 114 ALA A CA 1 
ATOM   113 C CA . LEU A 1 113 ? -4.090  14.122  -4.118  1.00 21.67 ? 115 LEU A CA 1 
ATOM   114 C CA . HIS A 1 114 ? -6.711  11.604  -3.030  1.00 20.54 ? 116 HIS A CA 1 
ATOM   115 C CA . LEU A 1 115 ? -4.414  8.893   -1.702  1.00 19.40 ? 117 LEU A CA 1 
ATOM   116 C CA . LYS A 1 116 ? -2.152  11.153  0.480   1.00 19.07 ? 118 LYS A CA 1 
ATOM   117 C CA . SER A 1 117 ? -5.329  12.710  1.775   1.00 19.31 ? 119 SER A CA 1 
ATOM   118 C CA . TYR A 1 118 ? -6.280  9.236   2.840   1.00 19.13 ? 120 TYR A CA 1 
ATOM   119 C CA . TYR A 1 119 ? -2.878  8.019   4.074   1.00 19.84 ? 121 TYR A CA 1 
ATOM   120 C CA . TRP A 1 120 ? -2.604  11.346  5.913   1.00 18.51 ? 122 TRP A CA 1 
ATOM   121 C CA . ARG A 1 121 ? -6.032  10.347  7.365   1.00 17.61 ? 123 ARG A CA 1 
ATOM   122 C CA . VAL A 1 122 ? -4.697  6.897   8.514   1.00 19.62 ? 124 VAL A CA 1 
ATOM   123 C CA . GLN A 1 123 ? -1.725  8.876   9.858   1.00 20.79 ? 125 GLN A CA 1 
ATOM   124 C CA . ARG A 1 124 ? -3.793  11.263  12.189  1.00 18.69 ? 126 ARG A CA 1 
ATOM   125 C CA . TYR A 1 125 ? -5.977  8.589   13.787  1.00 16.65 ? 127 TYR A CA 1 
ATOM   126 C CA . LEU A 1 126 ? -2.983  6.521   15.067  1.00 19.11 ? 128 LEU A CA 1 
ATOM   127 C CA . LYS A 1 127 ? -1.831  9.929   16.363  1.00 17.07 ? 129 LYS A CA 1 
ATOM   128 C CA . LEU A 1 128 ? -5.098  10.832  17.980  1.00 16.33 ? 130 LEU A CA 1 
ATOM   129 C CA . MET A 1 129 ? -5.380  7.347   19.476  1.00 18.58 ? 131 MET A CA 1 
ATOM   130 C CA . LYS A 1 130 ? -1.627  7.377   20.410  1.00 21.46 ? 132 LYS A CA 1 
ATOM   131 C CA . TYR A 1 131 ? -0.540  4.177   18.610  1.00 20.68 ? 133 TYR A CA 1 
ATOM   132 C CA . ASN A 1 132 ? -2.263  1.809   21.019  1.00 17.92 ? 134 ASN A CA 1 
ATOM   133 C CA . SER A 1 133 ? -3.973  -1.639  20.716  1.00 18.36 ? 135 SER A CA 1 
ATOM   134 C CA . TYR A 1 134 ? -7.311  -0.471  19.299  1.00 15.63 ? 136 TYR A CA 1 
ATOM   135 C CA . ALA A 1 135 ? -5.763  1.844   16.689  1.00 13.67 ? 137 ALA A CA 1 
ATOM   136 C CA . TRP A 1 136 ? -3.256  -0.784  15.417  1.00 17.80 ? 138 TRP A CA 1 
ATOM   137 C CA . MET A 1 137 ? -5.622  -3.803  15.119  1.00 20.87 ? 139 MET A CA 1 
ATOM   138 C CA . VAL A 1 138 ? -7.942  -1.475  13.338  1.00 19.80 ? 140 VAL A CA 1 
ATOM   139 C CA . VAL A 1 139 ? -5.217  0.176   11.201  1.00 19.53 ? 141 VAL A CA 1 
ATOM   140 C CA . ARG A 1 140 ? -4.029  -3.344  10.247  1.00 20.00 ? 142 ARG A CA 1 
ATOM   141 C CA . ALA A 1 141 ? -7.443  -4.326  8.806   1.00 15.80 ? 143 ALA A CA 1 
ATOM   142 C CA . GLU A 1 142 ? -7.744  -1.339  6.427   1.00 19.23 ? 144 GLU A CA 1 
ATOM   143 C CA . ILE A 1 143 ? -4.321  -2.243  5.168   1.00 21.15 ? 145 ILE A CA 1 
ATOM   144 C CA . PHE A 1 144 ? -5.437  -5.832  4.563   1.00 20.79 ? 146 PHE A CA 1 
ATOM   145 C CA . ARG A 1 145 ? -7.952  -3.852  2.427   1.00 20.94 ? 147 ARG A CA 1 
ATOM   146 C CA . ASN A 1 146 ? -5.228  -1.725  0.708   1.00 20.07 ? 148 ASN A CA 1 
ATOM   147 C CA . PHE A 1 147 ? -3.269  -4.918  -0.097  1.00 16.46 ? 149 PHE A CA 1 
ATOM   148 C CA . LEU A 1 148 ? -6.467  -6.268  -1.586  1.00 19.26 ? 150 LEU A CA 1 
ATOM   149 C CA . ILE A 1 149 ? -7.422  -3.261  -3.790  1.00 19.90 ? 151 ILE A CA 1 
ATOM   150 C CA . ILE A 1 150 ? -3.780  -3.565  -5.057  1.00 22.77 ? 152 ILE A CA 1 
ATOM   151 C CA . ARG A 1 151 ? -3.950  -7.282  -5.877  1.00 23.69 ? 153 ARG A CA 1 
ATOM   152 C CA . ARG A 1 152 ? -6.924  -5.875  -7.802  1.00 23.15 ? 154 ARG A CA 1 
ATOM   153 C CA . LEU A 1 153 ? -5.666  -2.782  -9.757  1.00 23.74 ? 155 LEU A CA 1 
ATOM   154 C CA . THR A 1 154 ? -2.573  -4.871  -10.563 1.00 22.67 ? 156 THR A CA 1 
ATOM   155 C CA . ARG A 1 155 ? -4.964  -6.525  -13.006 1.00 23.53 ? 157 ARG A CA 1 
ATOM   156 C CA . ASN A 1 156 ? -4.392  -3.516  -15.302 1.00 28.94 ? 158 ASN A CA 1 
ATOM   157 C CA . PHE A 1 157 ? -2.783  -4.227  -18.663 1.00 31.52 ? 159 PHE A CA 1 
ATOM   158 C CA . GLN A 1 158 ? -4.117  -6.775  -21.156 1.00 31.41 ? 160 GLN A CA 1 
HETATM 159 C CA . ASN B 2 .   ? -7.720  -6.739  -22.576 1.00 32.26 ? 161 ASN A CA 1 
# 
